data_5LYN
#
_entry.id   5LYN
#
_cell.length_a   45.490
_cell.length_b   61.090
_cell.length_c   55.250
_cell.angle_alpha   90.000
_cell.angle_beta   108.810
_cell.angle_gamma   90.000
#
_symmetry.space_group_name_H-M   'P 1 21 1'
#
loop_
_entity.id
_entity.type
_entity.pdbx_description
1 polymer 'Small glutamine-rich tetratricopeptide repeat-containing protein 2'
2 polymer PRO-THR-VAL-GLU-GLU-VAL-ASP
3 non-polymer 'ZINC ION'
4 water water
#
loop_
_entity_poly.entity_id
_entity_poly.type
_entity_poly.pdbx_seq_one_letter_code
_entity_poly.pdbx_strand_id
1 'polypeptide(L)'
;GSMAETKAKAEDLKMQGNKAMANKDYELAINKYTEAIKVLPTNAIYYANRAAAHSSLKEYDQAVKDAESAISIDPSYFRG
YSRLGFAKYAQGKPEEALEAYKKVLDIEGDNATEAMKRDYESAKKKVEQSLNL
;
A,B
2 'polypeptide(L)' PTVEEVD C,D
#
# COMPACT_ATOMS: atom_id res chain seq x y z
N GLY A 1 -19.22 25.04 -14.64
CA GLY A 1 -18.73 24.47 -13.41
C GLY A 1 -19.35 23.12 -13.09
N SER A 2 -18.60 22.04 -13.35
CA SER A 2 -19.07 20.70 -13.05
C SER A 2 -18.36 20.19 -11.80
N MET A 3 -18.93 19.16 -11.19
CA MET A 3 -18.30 18.57 -10.02
C MET A 3 -16.93 18.00 -10.39
N ALA A 4 -16.81 17.42 -11.59
CA ALA A 4 -15.51 16.94 -12.04
C ALA A 4 -14.53 18.09 -12.23
N GLU A 5 -15.00 19.24 -12.70
CA GLU A 5 -14.12 20.39 -12.86
C GLU A 5 -13.69 20.93 -11.50
N THR A 6 -14.58 20.90 -10.51
CA THR A 6 -14.18 21.29 -9.16
C THR A 6 -13.14 20.32 -8.60
N LYS A 7 -13.38 19.03 -8.75
CA LYS A 7 -12.41 18.02 -8.32
C LYS A 7 -11.07 18.22 -9.04
N ALA A 8 -11.10 18.47 -10.36
CA ALA A 8 -9.87 18.68 -11.10
C ALA A 8 -9.13 19.92 -10.61
N LYS A 9 -9.87 20.97 -10.26
CA LYS A 9 -9.23 22.15 -9.69
C LYS A 9 -8.54 21.84 -8.38
N ALA A 10 -9.23 21.12 -7.49
CA ALA A 10 -8.63 20.76 -6.20
C ALA A 10 -7.45 19.81 -6.39
N GLU A 11 -7.57 18.88 -7.34
CA GLU A 11 -6.47 17.95 -7.58
C GLU A 11 -5.25 18.67 -8.14
N ASP A 12 -5.45 19.67 -8.99
CA ASP A 12 -4.31 20.42 -9.49
C ASP A 12 -3.61 21.17 -8.36
N LEU A 13 -4.37 21.74 -7.43
CA LEU A 13 -3.76 22.35 -6.26
C LEU A 13 -3.02 21.32 -5.43
N LYS A 14 -3.62 20.13 -5.26
CA LYS A 14 -2.95 19.05 -4.54
C LYS A 14 -1.63 18.68 -5.23
N MET A 15 -1.63 18.62 -6.55
CA MET A 15 -0.41 18.32 -7.29
C MET A 15 0.63 19.42 -7.10
N GLN A 16 0.19 20.69 -7.08
CA GLN A 16 1.11 21.77 -6.76
C GLN A 16 1.69 21.62 -5.36
N GLY A 17 0.86 21.14 -4.42
CA GLY A 17 1.39 20.85 -3.09
C GLY A 17 2.41 19.72 -3.11
N ASN A 18 2.12 18.65 -3.86
CA ASN A 18 3.06 17.54 -3.97
C ASN A 18 4.39 17.99 -4.58
N LYS A 19 4.33 18.88 -5.59
CA LYS A 19 5.58 19.40 -6.15
C LYS A 19 6.35 20.20 -5.11
N ALA A 20 5.64 21.02 -4.33
CA ALA A 20 6.27 21.81 -3.27
C ALA A 20 6.92 20.91 -2.21
N MET A 21 6.24 19.82 -1.84
CA MET A 21 6.83 18.85 -0.93
C MET A 21 8.11 18.26 -1.53
N ALA A 22 8.08 17.93 -2.83
CA ALA A 22 9.26 17.38 -3.48
C ALA A 22 10.42 18.36 -3.46
N ASN A 23 10.14 19.67 -3.61
CA ASN A 23 11.15 20.70 -3.55
C ASN A 23 11.48 21.15 -2.12
N LYS A 24 10.84 20.57 -1.11
CA LYS A 24 11.05 20.95 0.28
C LYS A 24 10.66 22.40 0.56
N ASP A 25 9.74 22.95 -0.24
CA ASP A 25 9.08 24.23 0.06
C ASP A 25 7.81 23.86 0.82
N TYR A 26 7.99 23.58 2.13
CA TYR A 26 6.88 23.06 2.94
C TYR A 26 5.82 24.12 3.22
N GLU A 27 6.21 25.39 3.30
CA GLU A 27 5.22 26.44 3.49
C GLU A 27 4.30 26.54 2.29
N LEU A 28 4.87 26.47 1.09
CA LEU A 28 4.05 26.48 -0.11
C LEU A 28 3.13 25.26 -0.16
N ALA A 29 3.65 24.09 0.23
CA ALA A 29 2.81 22.90 0.23
C ALA A 29 1.61 23.06 1.15
N ILE A 30 1.81 23.64 2.34
CA ILE A 30 0.70 23.89 3.26
C ILE A 30 -0.36 24.75 2.59
N ASN A 31 0.07 25.81 1.88
CA ASN A 31 -0.86 26.69 1.17
C ASN A 31 -1.65 25.91 0.13
N LYS A 32 -0.97 25.13 -0.69
CA LYS A 32 -1.67 24.45 -1.78
C LYS A 32 -2.67 23.44 -1.25
N TYR A 33 -2.30 22.72 -0.19
CA TYR A 33 -3.26 21.78 0.40
C TYR A 33 -4.43 22.51 1.04
N THR A 34 -4.15 23.64 1.71
CA THR A 34 -5.21 24.47 2.26
C THR A 34 -6.15 24.93 1.16
N GLU A 35 -5.59 25.38 0.04
CA GLU A 35 -6.43 25.86 -1.06
C GLU A 35 -7.24 24.72 -1.65
N ALA A 36 -6.63 23.53 -1.77
CA ALA A 36 -7.37 22.36 -2.23
C ALA A 36 -8.52 22.06 -1.30
N ILE A 37 -8.30 22.13 0.02
CA ILE A 37 -9.37 21.85 0.97
C ILE A 37 -10.49 22.86 0.82
N LYS A 38 -10.15 24.14 0.63
CA LYS A 38 -11.18 25.15 0.43
C LYS A 38 -11.97 24.90 -0.84
N VAL A 39 -11.32 24.39 -1.91
CA VAL A 39 -12.05 24.09 -3.13
C VAL A 39 -12.93 22.84 -2.92
N LEU A 40 -12.42 21.84 -2.20
CA LEU A 40 -13.13 20.58 -1.99
C LEU A 40 -12.80 20.06 -0.60
N PRO A 41 -13.63 20.37 0.39
CA PRO A 41 -13.27 20.07 1.80
C PRO A 41 -13.66 18.69 2.29
N THR A 42 -14.14 17.82 1.43
CA THR A 42 -14.63 16.51 1.82
C THR A 42 -13.66 15.38 1.50
N ASN A 43 -12.41 15.72 1.20
CA ASN A 43 -11.42 14.75 0.72
C ASN A 43 -10.34 14.64 1.79
N ALA A 44 -10.26 13.49 2.46
CA ALA A 44 -9.34 13.32 3.57
C ALA A 44 -7.88 13.40 3.14
N ILE A 45 -7.62 13.14 1.86
CA ILE A 45 -6.25 13.10 1.37
C ILE A 45 -5.58 14.46 1.52
N TYR A 46 -6.32 15.54 1.29
CA TYR A 46 -5.74 16.87 1.39
C TYR A 46 -5.30 17.17 2.82
N TYR A 47 -6.15 16.84 3.79
CA TYR A 47 -5.80 16.97 5.20
C TYR A 47 -4.58 16.14 5.56
N ALA A 48 -4.57 14.87 5.12
CA ALA A 48 -3.42 14.01 5.41
C ALA A 48 -2.14 14.55 4.80
N ASN A 49 -2.23 15.07 3.58
CA ASN A 49 -1.07 15.71 2.96
C ASN A 49 -0.65 16.95 3.73
N ARG A 50 -1.62 17.74 4.21
CA ARG A 50 -1.22 18.95 4.94
C ARG A 50 -0.54 18.57 6.25
N ALA A 51 -1.02 17.51 6.91
CA ALA A 51 -0.36 16.99 8.09
C ALA A 51 1.10 16.66 7.80
N ALA A 52 1.38 16.07 6.63
CA ALA A 52 2.75 15.76 6.26
C ALA A 52 3.59 17.01 6.11
N ALA A 53 3.02 18.07 5.51
CA ALA A 53 3.75 19.33 5.38
C ALA A 53 4.01 19.97 6.74
N HIS A 54 3.02 19.96 7.64
CA HIS A 54 3.25 20.45 9.00
C HIS A 54 4.35 19.64 9.70
N SER A 55 4.26 18.31 9.62
CA SER A 55 5.27 17.47 10.27
C SER A 55 6.66 17.78 9.74
N SER A 56 6.77 18.08 8.43
CA SER A 56 8.07 18.40 7.86
C SER A 56 8.64 19.69 8.44
N LEU A 57 7.78 20.60 8.88
CA LEU A 57 8.21 21.80 9.59
C LEU A 57 8.22 21.60 11.10
N LYS A 58 8.07 20.37 11.58
CA LYS A 58 8.04 20.03 13.00
C LYS A 58 6.91 20.73 13.73
N GLU A 59 5.85 21.08 13.01
CA GLU A 59 4.62 21.64 13.61
C GLU A 59 3.65 20.51 13.91
N TYR A 60 3.98 19.75 14.96
CA TYR A 60 3.31 18.47 15.16
C TYR A 60 1.91 18.64 15.73
N ASP A 61 1.68 19.71 16.48
CA ASP A 61 0.31 20.00 16.93
C ASP A 61 -0.60 20.27 15.74
N GLN A 62 -0.11 21.02 14.74
CA GLN A 62 -0.89 21.28 13.55
C GLN A 62 -1.07 20.01 12.73
N ALA A 63 -0.05 19.16 12.70
CA ALA A 63 -0.15 17.89 11.97
C ALA A 63 -1.22 16.99 12.60
N VAL A 64 -1.21 16.89 13.94
CA VAL A 64 -2.18 16.07 14.65
C VAL A 64 -3.60 16.52 14.33
N LYS A 65 -3.83 17.84 14.31
CA LYS A 65 -5.16 18.34 13.99
C LYS A 65 -5.59 17.91 12.59
N ASP A 66 -4.70 18.04 11.61
CA ASP A 66 -5.06 17.64 10.25
C ASP A 66 -5.20 16.13 10.14
N ALA A 67 -4.35 15.38 10.83
CA ALA A 67 -4.50 13.92 10.76
C ALA A 67 -5.82 13.50 11.37
N GLU A 68 -6.22 14.14 12.46
CA GLU A 68 -7.52 13.82 13.07
C GLU A 68 -8.67 14.23 12.15
N SER A 69 -8.52 15.33 11.40
CA SER A 69 -9.55 15.69 10.43
C SER A 69 -9.67 14.63 9.35
N ALA A 70 -8.53 14.21 8.77
CA ALA A 70 -8.53 13.13 7.78
C ALA A 70 -9.25 11.89 8.31
N ILE A 71 -8.99 11.53 9.56
CA ILE A 71 -9.58 10.33 10.15
C ILE A 71 -11.09 10.51 10.32
N SER A 72 -11.52 11.69 10.76
CA SER A 72 -12.95 11.96 10.91
C SER A 72 -13.67 11.89 9.57
N ILE A 73 -13.08 12.50 8.54
CA ILE A 73 -13.73 12.55 7.23
C ILE A 73 -13.77 11.17 6.60
N ASP A 74 -12.71 10.38 6.78
CA ASP A 74 -12.57 9.10 6.08
C ASP A 74 -11.86 8.11 6.98
N PRO A 75 -12.60 7.42 7.84
CA PRO A 75 -11.95 6.54 8.83
C PRO A 75 -11.22 5.34 8.22
N SER A 76 -11.54 4.92 7.00
CA SER A 76 -10.85 3.80 6.38
C SER A 76 -9.64 4.21 5.56
N TYR A 77 -9.38 5.51 5.42
CA TYR A 77 -8.21 6.01 4.71
C TYR A 77 -7.03 5.86 5.66
N PHE A 78 -6.19 4.85 5.44
CA PHE A 78 -5.25 4.53 6.52
C PHE A 78 -4.14 5.55 6.65
N ARG A 79 -3.84 6.30 5.59
CA ARG A 79 -2.73 7.23 5.72
C ARG A 79 -3.02 8.33 6.72
N GLY A 80 -4.30 8.57 7.04
CA GLY A 80 -4.61 9.48 8.13
C GLY A 80 -4.02 9.02 9.45
N TYR A 81 -4.09 7.71 9.73
CA TYR A 81 -3.51 7.21 10.97
C TYR A 81 -2.00 7.20 10.93
N SER A 82 -1.41 6.92 9.75
CA SER A 82 0.05 7.00 9.63
C SER A 82 0.55 8.41 9.92
N ARG A 83 -0.13 9.42 9.41
CA ARG A 83 0.24 10.80 9.73
C ARG A 83 0.06 11.09 11.22
N LEU A 84 -1.03 10.60 11.81
CA LEU A 84 -1.23 10.79 13.24
C LEU A 84 -0.13 10.09 14.02
N GLY A 85 0.17 8.84 13.66
CA GLY A 85 1.23 8.10 14.35
C GLY A 85 2.57 8.80 14.30
N PHE A 86 2.95 9.32 13.12
CA PHE A 86 4.23 10.03 13.02
C PHE A 86 4.26 11.25 13.92
N ALA A 87 3.21 12.08 13.85
CA ALA A 87 3.18 13.29 14.64
C ALA A 87 3.28 12.97 16.12
N LYS A 88 2.51 11.97 16.58
CA LYS A 88 2.54 11.61 18.00
C LYS A 88 3.89 11.07 18.40
N TYR A 89 4.47 10.21 17.56
CA TYR A 89 5.79 9.68 17.84
C TYR A 89 6.79 10.82 18.04
N ALA A 90 6.77 11.79 17.10
CA ALA A 90 7.71 12.90 17.16
C ALA A 90 7.48 13.78 18.38
N GLN A 91 6.24 13.85 18.88
CA GLN A 91 5.92 14.57 20.11
C GLN A 91 6.38 13.83 21.37
N GLY A 92 6.92 12.63 21.25
CA GLY A 92 7.19 11.84 22.43
C GLY A 92 5.93 11.33 23.10
N LYS A 93 4.91 10.98 22.31
CA LYS A 93 3.71 10.30 22.80
C LYS A 93 3.66 8.93 22.11
N PRO A 94 4.56 8.02 22.48
CA PRO A 94 4.70 6.78 21.70
C PRO A 94 3.56 5.80 21.90
N GLU A 95 2.86 5.81 23.03
CA GLU A 95 1.69 4.95 23.17
C GLU A 95 0.59 5.35 22.18
N GLU A 96 0.37 6.65 22.02
CA GLU A 96 -0.61 7.10 21.04
C GLU A 96 -0.14 6.83 19.61
N ALA A 97 1.17 6.98 19.35
CA ALA A 97 1.72 6.61 18.05
C ALA A 97 1.52 5.12 17.77
N LEU A 98 1.76 4.27 18.78
CA LEU A 98 1.56 2.84 18.61
C LEU A 98 0.12 2.52 18.24
N GLU A 99 -0.85 3.18 18.90
CA GLU A 99 -2.24 2.91 18.59
C GLU A 99 -2.59 3.32 17.16
N ALA A 100 -2.11 4.50 16.73
CA ALA A 100 -2.33 4.93 15.35
C ALA A 100 -1.73 3.94 14.36
N TYR A 101 -0.44 3.63 14.52
CA TYR A 101 0.23 2.71 13.60
C TYR A 101 -0.40 1.32 13.65
N LYS A 102 -0.90 0.90 14.80
CA LYS A 102 -1.58 -0.39 14.88
C LYS A 102 -2.90 -0.37 14.13
N LYS A 103 -3.57 0.79 14.10
CA LYS A 103 -4.82 0.90 13.36
C LYS A 103 -4.59 0.74 11.86
N VAL A 104 -3.46 1.24 11.34
CA VAL A 104 -3.09 1.00 9.95
C VAL A 104 -3.01 -0.50 9.69
N LEU A 105 -2.33 -1.24 10.59
CA LEU A 105 -2.20 -2.68 10.42
C LEU A 105 -3.53 -3.39 10.56
N ASP A 106 -4.44 -2.86 11.39
CA ASP A 106 -5.76 -3.48 11.50
C ASP A 106 -6.59 -3.23 10.25
N ILE A 107 -6.49 -2.04 9.65
CA ILE A 107 -7.20 -1.77 8.40
C ILE A 107 -6.68 -2.66 7.29
N GLU A 108 -5.34 -2.73 7.14
CA GLU A 108 -4.77 -3.44 6.01
C GLU A 108 -4.64 -4.94 6.23
N GLY A 109 -4.49 -5.40 7.47
CA GLY A 109 -4.40 -6.84 7.68
C GLY A 109 -3.23 -7.44 6.94
N ASP A 110 -3.46 -8.61 6.29
CA ASP A 110 -2.40 -9.27 5.53
C ASP A 110 -1.92 -8.46 4.33
N ASN A 111 -2.61 -7.38 3.98
CA ASN A 111 -2.13 -6.46 2.94
C ASN A 111 -1.06 -5.50 3.43
N ALA A 112 -0.80 -5.43 4.73
CA ALA A 112 0.11 -4.43 5.24
C ALA A 112 1.50 -4.59 4.63
N THR A 113 2.13 -3.45 4.30
CA THR A 113 3.45 -3.42 3.73
C THR A 113 4.51 -3.53 4.82
N GLU A 114 5.76 -3.76 4.41
CA GLU A 114 6.84 -3.82 5.39
C GLU A 114 7.08 -2.45 6.02
N ALA A 115 6.82 -1.37 5.28
CA ALA A 115 6.93 -0.04 5.88
C ALA A 115 5.93 0.13 7.03
N MET A 116 4.68 -0.31 6.83
CA MET A 116 3.70 -0.17 7.91
C MET A 116 4.12 -0.93 9.16
N LYS A 117 4.68 -2.12 8.98
CA LYS A 117 5.10 -2.89 10.15
C LYS A 117 6.33 -2.27 10.79
N ARG A 118 7.24 -1.69 10.00
CA ARG A 118 8.39 -1.00 10.56
C ARG A 118 7.97 0.17 11.44
N ASP A 119 6.96 0.93 11.00
CA ASP A 119 6.46 2.04 11.81
C ASP A 119 5.89 1.52 13.12
N TYR A 120 5.06 0.47 13.04
CA TYR A 120 4.50 -0.14 14.24
C TYR A 120 5.59 -0.62 15.18
N GLU A 121 6.61 -1.30 14.65
CA GLU A 121 7.65 -1.83 15.52
C GLU A 121 8.48 -0.73 16.16
N SER A 122 8.66 0.40 15.44
CA SER A 122 9.38 1.54 15.98
C SER A 122 8.66 2.17 17.16
N ALA A 123 7.35 2.35 17.01
CA ALA A 123 6.56 2.90 18.11
C ALA A 123 6.56 1.94 19.29
N LYS A 124 6.47 0.64 19.01
CA LYS A 124 6.47 -0.36 20.07
C LYS A 124 7.79 -0.35 20.84
N LYS A 125 8.91 -0.20 20.14
CA LYS A 125 10.19 -0.20 20.83
C LYS A 125 10.33 1.03 21.71
N LYS A 126 9.73 2.14 21.30
CA LYS A 126 9.78 3.36 22.10
C LYS A 126 8.88 3.25 23.32
N VAL A 127 7.69 2.65 23.16
CA VAL A 127 6.83 2.39 24.32
C VAL A 127 7.57 1.50 25.32
N GLU A 128 8.21 0.43 24.83
CA GLU A 128 8.86 -0.49 25.75
C GLU A 128 10.07 0.15 26.41
N GLN A 129 10.89 0.87 25.65
CA GLN A 129 11.95 1.67 26.25
C GLN A 129 11.42 2.55 27.37
N SER A 130 10.26 3.19 27.17
CA SER A 130 9.73 4.10 28.18
C SER A 130 9.40 3.37 29.47
N LEU A 131 8.69 2.25 29.38
CA LEU A 131 8.32 1.57 30.61
C LEU A 131 9.46 0.78 31.21
N ASN A 132 10.61 0.70 30.54
CA ASN A 132 11.78 0.03 31.08
C ASN A 132 12.77 0.98 31.74
N LEU A 133 12.51 2.29 31.72
CA LEU A 133 13.36 3.22 32.43
C LEU A 133 13.17 3.02 33.93
N GLY B 1 5.22 -30.33 17.79
CA GLY B 1 4.62 -29.66 16.65
C GLY B 1 3.38 -28.87 17.03
N SER B 2 3.55 -27.56 17.16
CA SER B 2 2.49 -26.63 17.47
C SER B 2 2.13 -25.80 16.24
N MET B 3 0.94 -25.19 16.29
CA MET B 3 0.54 -24.30 15.21
C MET B 3 1.51 -23.13 15.08
N ALA B 4 1.99 -22.62 16.21
CA ALA B 4 2.94 -21.50 16.19
C ALA B 4 4.28 -21.89 15.58
N GLU B 5 4.76 -23.10 15.87
CA GLU B 5 6.03 -23.57 15.30
C GLU B 5 5.91 -23.81 13.81
N THR B 6 4.77 -24.36 13.37
CA THR B 6 4.54 -24.55 11.94
C THR B 6 4.54 -23.22 11.21
N LYS B 7 3.80 -22.24 11.74
CA LYS B 7 3.77 -20.91 11.14
C LYS B 7 5.16 -20.31 11.05
N ALA B 8 5.95 -20.41 12.12
CA ALA B 8 7.27 -19.82 12.11
C ALA B 8 8.17 -20.49 11.07
N LYS B 9 8.04 -21.80 10.91
CA LYS B 9 8.81 -22.50 9.89
C LYS B 9 8.44 -22.01 8.48
N ALA B 10 7.13 -21.91 8.22
CA ALA B 10 6.69 -21.45 6.91
C ALA B 10 7.11 -20.01 6.65
N GLU B 11 7.03 -19.17 7.69
CA GLU B 11 7.42 -17.77 7.54
C GLU B 11 8.90 -17.64 7.27
N ASP B 12 9.72 -18.50 7.88
CA ASP B 12 11.14 -18.51 7.58
C ASP B 12 11.41 -18.90 6.14
N LEU B 13 10.66 -19.89 5.62
CA LEU B 13 10.80 -20.26 4.21
C LEU B 13 10.37 -19.11 3.30
N LYS B 14 9.27 -18.43 3.64
CA LYS B 14 8.86 -17.27 2.87
C LYS B 14 9.96 -16.22 2.84
N MET B 15 10.63 -15.99 3.98
CA MET B 15 11.70 -15.01 4.01
C MET B 15 12.87 -15.42 3.13
N GLN B 16 13.21 -16.71 3.09
CA GLN B 16 14.23 -17.18 2.17
C GLN B 16 13.81 -16.95 0.73
N GLY B 17 12.54 -17.14 0.43
CA GLY B 17 12.05 -16.85 -0.90
C GLY B 17 12.16 -15.37 -1.24
N ASN B 18 11.78 -14.50 -0.30
CA ASN B 18 11.91 -13.07 -0.54
C ASN B 18 13.35 -12.67 -0.83
N LYS B 19 14.30 -13.24 -0.07
CA LYS B 19 15.70 -12.92 -0.31
C LYS B 19 16.13 -13.39 -1.71
N ALA B 20 15.69 -14.57 -2.11
CA ALA B 20 15.99 -15.05 -3.46
C ALA B 20 15.44 -14.09 -4.52
N MET B 21 14.21 -13.60 -4.32
CA MET B 21 13.63 -12.63 -5.27
C MET B 21 14.50 -11.38 -5.38
N ALA B 22 15.00 -10.87 -4.25
CA ALA B 22 15.86 -9.70 -4.27
C ALA B 22 17.14 -9.96 -5.05
N ASN B 23 17.69 -11.16 -4.94
CA ASN B 23 18.88 -11.55 -5.69
C ASN B 23 18.57 -11.97 -7.13
N LYS B 24 17.31 -11.88 -7.55
CA LYS B 24 16.86 -12.30 -8.88
C LYS B 24 17.09 -13.78 -9.12
N ASP B 25 17.15 -14.56 -8.04
CA ASP B 25 17.20 -16.02 -8.15
C ASP B 25 15.75 -16.52 -8.10
N TYR B 26 15.08 -16.39 -9.23
CA TYR B 26 13.65 -16.72 -9.29
C TYR B 26 13.43 -18.21 -9.16
N GLU B 27 14.37 -19.00 -9.64
CA GLU B 27 14.25 -20.45 -9.53
C GLU B 27 14.30 -20.88 -8.07
N LEU B 28 15.22 -20.29 -7.30
CA LEU B 28 15.29 -20.57 -5.86
C LEU B 28 14.05 -20.06 -5.15
N ALA B 29 13.55 -18.89 -5.57
CA ALA B 29 12.36 -18.33 -4.92
C ALA B 29 11.17 -19.27 -5.08
N ILE B 30 10.97 -19.81 -6.28
CA ILE B 30 9.87 -20.76 -6.48
C ILE B 30 10.01 -21.94 -5.53
N ASN B 31 11.23 -22.45 -5.33
CA ASN B 31 11.45 -23.52 -4.36
C ASN B 31 10.99 -23.14 -2.97
N LYS B 32 11.44 -21.99 -2.47
CA LYS B 32 11.17 -21.62 -1.08
C LYS B 32 9.69 -21.34 -0.86
N TYR B 33 9.04 -20.68 -1.81
CA TYR B 33 7.61 -20.45 -1.67
C TYR B 33 6.82 -21.77 -1.74
N THR B 34 7.24 -22.67 -2.62
CA THR B 34 6.65 -24.01 -2.65
C THR B 34 6.84 -24.73 -1.33
N GLU B 35 8.04 -24.67 -0.77
CA GLU B 35 8.31 -25.32 0.51
C GLU B 35 7.49 -24.71 1.63
N ALA B 36 7.33 -23.37 1.63
CA ALA B 36 6.48 -22.71 2.60
C ALA B 36 5.04 -23.17 2.51
N ILE B 37 4.51 -23.27 1.28
CA ILE B 37 3.14 -23.72 1.10
C ILE B 37 2.98 -25.14 1.62
N LYS B 38 3.98 -26.00 1.40
CA LYS B 38 3.88 -27.37 1.90
C LYS B 38 3.83 -27.41 3.42
N VAL B 39 4.54 -26.49 4.08
CA VAL B 39 4.47 -26.41 5.55
C VAL B 39 3.13 -25.83 5.98
N LEU B 40 2.64 -24.82 5.26
CA LEU B 40 1.43 -24.12 5.66
C LEU B 40 0.68 -23.72 4.41
N PRO B 41 -0.26 -24.55 3.95
CA PRO B 41 -0.89 -24.33 2.64
C PRO B 41 -2.07 -23.37 2.63
N THR B 42 -2.40 -22.74 3.75
CA THR B 42 -3.61 -21.92 3.87
C THR B 42 -3.30 -20.42 3.93
N ASN B 43 -2.12 -20.02 3.46
CA ASN B 43 -1.67 -18.63 3.56
C ASN B 43 -1.52 -18.09 2.15
N ALA B 44 -2.42 -17.18 1.77
CA ALA B 44 -2.49 -16.70 0.39
C ALA B 44 -1.21 -15.99 -0.04
N ILE B 45 -0.48 -15.39 0.90
CA ILE B 45 0.71 -14.61 0.54
C ILE B 45 1.74 -15.48 -0.16
N TYR B 46 1.90 -16.73 0.29
CA TYR B 46 2.92 -17.60 -0.31
C TYR B 46 2.60 -17.86 -1.78
N TYR B 47 1.32 -18.05 -2.10
CA TYR B 47 0.90 -18.29 -3.48
C TYR B 47 1.10 -17.04 -4.34
N ALA B 48 0.72 -15.87 -3.82
CA ALA B 48 0.94 -14.62 -4.54
C ALA B 48 2.42 -14.38 -4.80
N ASN B 49 3.26 -14.68 -3.80
CA ASN B 49 4.70 -14.56 -3.97
C ASN B 49 5.23 -15.52 -5.03
N ARG B 50 4.77 -16.77 -5.00
CA ARG B 50 5.20 -17.70 -6.03
C ARG B 50 4.72 -17.25 -7.41
N ALA B 51 3.53 -16.64 -7.48
CA ALA B 51 3.05 -16.11 -8.76
C ALA B 51 4.00 -15.06 -9.31
N ALA B 52 4.56 -14.24 -8.41
CA ALA B 52 5.50 -13.20 -8.82
C ALA B 52 6.78 -13.82 -9.34
N ALA B 53 7.26 -14.87 -8.69
CA ALA B 53 8.47 -15.54 -9.17
C ALA B 53 8.24 -16.20 -10.52
N HIS B 54 7.10 -16.89 -10.68
CA HIS B 54 6.74 -17.47 -11.97
C HIS B 54 6.70 -16.41 -13.06
N SER B 55 6.04 -15.27 -12.78
CA SER B 55 5.94 -14.21 -13.77
C SER B 55 7.31 -13.66 -14.14
N SER B 56 8.20 -13.52 -13.15
CA SER B 56 9.57 -13.07 -13.41
C SER B 56 10.29 -13.98 -14.40
N LEU B 57 9.95 -15.27 -14.42
CA LEU B 57 10.48 -16.20 -15.40
C LEU B 57 9.63 -16.30 -16.65
N LYS B 58 8.64 -15.42 -16.82
CA LYS B 58 7.72 -15.42 -17.97
C LYS B 58 6.86 -16.69 -18.04
N GLU B 59 6.66 -17.36 -16.91
CA GLU B 59 5.80 -18.55 -16.88
C GLU B 59 4.39 -18.13 -16.44
N TYR B 60 3.69 -17.46 -17.36
CA TYR B 60 2.48 -16.76 -16.98
C TYR B 60 1.32 -17.71 -16.67
N ASP B 61 1.28 -18.89 -17.32
CA ASP B 61 0.26 -19.87 -16.96
C ASP B 61 0.42 -20.35 -15.52
N GLN B 62 1.66 -20.62 -15.11
CA GLN B 62 1.91 -21.02 -13.73
C GLN B 62 1.61 -19.88 -12.76
N ALA B 63 1.93 -18.64 -13.15
CA ALA B 63 1.59 -17.48 -12.33
C ALA B 63 0.08 -17.36 -12.13
N VAL B 64 -0.69 -17.52 -13.22
CA VAL B 64 -2.14 -17.40 -13.13
C VAL B 64 -2.70 -18.42 -12.14
N LYS B 65 -2.20 -19.65 -12.20
CA LYS B 65 -2.66 -20.68 -11.28
C LYS B 65 -2.45 -20.25 -9.83
N ASP B 66 -1.26 -19.75 -9.51
CA ASP B 66 -0.97 -19.36 -8.15
C ASP B 66 -1.75 -18.11 -7.75
N ALA B 67 -1.97 -17.18 -8.66
CA ALA B 67 -2.76 -16.00 -8.31
C ALA B 67 -4.20 -16.38 -8.02
N GLU B 68 -4.77 -17.28 -8.82
CA GLU B 68 -6.12 -17.76 -8.57
C GLU B 68 -6.21 -18.49 -7.24
N SER B 69 -5.17 -19.26 -6.88
CA SER B 69 -5.12 -19.88 -5.55
C SER B 69 -5.13 -18.83 -4.43
N ALA B 70 -4.27 -17.81 -4.55
CA ALA B 70 -4.27 -16.73 -3.55
C ALA B 70 -5.65 -16.11 -3.42
N ILE B 71 -6.29 -15.84 -4.56
CA ILE B 71 -7.58 -15.16 -4.54
C ILE B 71 -8.61 -16.05 -3.90
N SER B 72 -8.56 -17.35 -4.21
CA SER B 72 -9.44 -18.33 -3.59
C SER B 72 -9.26 -18.37 -2.08
N ILE B 73 -8.01 -18.40 -1.61
CA ILE B 73 -7.75 -18.55 -0.19
C ILE B 73 -8.14 -17.30 0.59
N ASP B 74 -7.81 -16.12 0.07
CA ASP B 74 -8.11 -14.86 0.76
C ASP B 74 -8.52 -13.82 -0.28
N PRO B 75 -9.82 -13.67 -0.51
CA PRO B 75 -10.29 -12.73 -1.53
C PRO B 75 -10.10 -11.26 -1.16
N SER B 76 -9.66 -10.94 0.06
CA SER B 76 -9.40 -9.56 0.43
C SER B 76 -7.92 -9.21 0.36
N TYR B 77 -7.07 -10.18 0.06
CA TYR B 77 -5.64 -9.93 -0.10
C TYR B 77 -5.44 -9.41 -1.52
N PHE B 78 -5.27 -8.08 -1.67
CA PHE B 78 -5.38 -7.54 -3.02
C PHE B 78 -4.20 -7.89 -3.92
N ARG B 79 -3.02 -8.19 -3.37
CA ARG B 79 -1.91 -8.56 -4.24
C ARG B 79 -2.23 -9.80 -5.08
N GLY B 80 -3.12 -10.66 -4.61
CA GLY B 80 -3.57 -11.77 -5.44
C GLY B 80 -4.08 -11.28 -6.79
N TYR B 81 -4.91 -10.25 -6.78
CA TYR B 81 -5.45 -9.72 -8.03
C TYR B 81 -4.38 -8.99 -8.84
N SER B 82 -3.45 -8.29 -8.15
CA SER B 82 -2.34 -7.66 -8.84
C SER B 82 -1.52 -8.67 -9.62
N ARG B 83 -1.22 -9.82 -9.00
CA ARG B 83 -0.46 -10.86 -9.70
C ARG B 83 -1.26 -11.41 -10.87
N LEU B 84 -2.55 -11.64 -10.66
CA LEU B 84 -3.37 -12.17 -11.74
C LEU B 84 -3.40 -11.20 -12.92
N GLY B 85 -3.60 -9.91 -12.63
CA GLY B 85 -3.68 -8.94 -13.70
C GLY B 85 -2.38 -8.82 -14.48
N PHE B 86 -1.25 -8.83 -13.78
CA PHE B 86 0.04 -8.75 -14.46
C PHE B 86 0.23 -9.93 -15.41
N ALA B 87 -0.14 -11.14 -14.97
CA ALA B 87 0.08 -12.31 -15.81
C ALA B 87 -0.91 -12.34 -16.96
N LYS B 88 -2.18 -12.00 -16.70
CA LYS B 88 -3.18 -11.95 -17.78
C LYS B 88 -2.82 -10.91 -18.82
N TYR B 89 -2.36 -9.73 -18.37
CA TYR B 89 -1.90 -8.70 -19.29
C TYR B 89 -0.76 -9.21 -20.17
N ALA B 90 0.20 -9.90 -19.55
CA ALA B 90 1.34 -10.39 -20.31
C ALA B 90 0.95 -11.49 -21.28
N GLN B 91 -0.16 -12.18 -21.04
CA GLN B 91 -0.67 -13.21 -21.94
C GLN B 91 -1.54 -12.65 -23.05
N GLY B 92 -1.73 -11.34 -23.11
CA GLY B 92 -2.62 -10.81 -24.12
C GLY B 92 -4.07 -11.04 -23.78
N LYS B 93 -4.42 -11.06 -22.50
CA LYS B 93 -5.80 -11.18 -22.06
C LYS B 93 -6.18 -9.91 -21.32
N PRO B 94 -6.27 -8.79 -22.03
CA PRO B 94 -6.43 -7.50 -21.34
C PRO B 94 -7.76 -7.36 -20.61
N GLU B 95 -8.82 -8.03 -21.08
CA GLU B 95 -10.12 -7.91 -20.40
C GLU B 95 -10.06 -8.52 -19.01
N GLU B 96 -9.43 -9.70 -18.88
CA GLU B 96 -9.27 -10.27 -17.56
C GLU B 96 -8.23 -9.51 -16.74
N ALA B 97 -7.23 -8.94 -17.40
CA ALA B 97 -6.26 -8.11 -16.68
C ALA B 97 -6.95 -6.89 -16.10
N LEU B 98 -7.80 -6.26 -16.92
CA LEU B 98 -8.56 -5.10 -16.46
C LEU B 98 -9.43 -5.46 -15.26
N GLU B 99 -10.10 -6.61 -15.31
CA GLU B 99 -10.96 -6.99 -14.19
C GLU B 99 -10.16 -7.20 -12.92
N ALA B 100 -8.97 -7.79 -13.03
CA ALA B 100 -8.16 -8.02 -11.83
C ALA B 100 -7.66 -6.69 -11.25
N TYR B 101 -7.10 -5.83 -12.10
CA TYR B 101 -6.61 -4.55 -11.63
C TYR B 101 -7.73 -3.69 -11.04
N LYS B 102 -8.91 -3.73 -11.65
CA LYS B 102 -10.03 -2.97 -11.10
C LYS B 102 -10.42 -3.48 -9.72
N LYS B 103 -10.35 -4.80 -9.51
CA LYS B 103 -10.63 -5.36 -8.20
C LYS B 103 -9.69 -4.78 -7.14
N VAL B 104 -8.42 -4.59 -7.49
CA VAL B 104 -7.47 -3.98 -6.56
C VAL B 104 -7.98 -2.60 -6.13
N LEU B 105 -8.38 -1.79 -7.11
CA LEU B 105 -8.89 -0.46 -6.79
C LEU B 105 -10.20 -0.53 -6.00
N ASP B 106 -11.06 -1.52 -6.28
CA ASP B 106 -12.30 -1.69 -5.52
C ASP B 106 -12.01 -1.99 -4.06
N ILE B 107 -11.00 -2.82 -3.79
CA ILE B 107 -10.65 -3.16 -2.43
C ILE B 107 -10.03 -1.97 -1.72
N GLU B 108 -9.10 -1.30 -2.38
CA GLU B 108 -8.30 -0.27 -1.71
C GLU B 108 -8.93 1.11 -1.71
N GLY B 109 -9.77 1.43 -2.69
CA GLY B 109 -10.44 2.73 -2.70
C GLY B 109 -9.44 3.88 -2.69
N ASP B 110 -9.68 4.86 -1.83
CA ASP B 110 -8.78 6.00 -1.68
C ASP B 110 -7.42 5.60 -1.15
N ASN B 111 -7.27 4.38 -0.64
CA ASN B 111 -5.96 3.91 -0.19
C ASN B 111 -5.05 3.49 -1.34
N ALA B 112 -5.57 3.46 -2.57
CA ALA B 112 -4.81 2.87 -3.68
C ALA B 112 -3.58 3.70 -4.00
N THR B 113 -2.48 3.02 -4.30
CA THR B 113 -1.26 3.70 -4.69
C THR B 113 -1.29 4.13 -6.16
N GLU B 114 -0.34 4.99 -6.51
CA GLU B 114 -0.23 5.44 -7.89
C GLU B 114 0.04 4.28 -8.82
N ALA B 115 0.83 3.30 -8.37
CA ALA B 115 1.13 2.16 -9.21
C ALA B 115 -0.14 1.37 -9.54
N MET B 116 -1.01 1.17 -8.55
CA MET B 116 -2.26 0.46 -8.78
C MET B 116 -3.11 1.15 -9.85
N LYS B 117 -3.23 2.47 -9.78
CA LYS B 117 -4.02 3.20 -10.77
C LYS B 117 -3.39 3.07 -12.16
N ARG B 118 -2.06 3.16 -12.24
CA ARG B 118 -1.38 3.02 -13.53
C ARG B 118 -1.63 1.66 -14.16
N ASP B 119 -1.56 0.59 -13.35
CA ASP B 119 -1.84 -0.75 -13.86
C ASP B 119 -3.25 -0.82 -14.41
N TYR B 120 -4.21 -0.28 -13.67
CA TYR B 120 -5.59 -0.26 -14.15
C TYR B 120 -5.70 0.51 -15.46
N GLU B 121 -5.06 1.68 -15.54
CA GLU B 121 -5.16 2.49 -16.75
C GLU B 121 -4.51 1.80 -17.95
N SER B 122 -3.40 1.10 -17.75
CA SER B 122 -2.77 0.38 -18.85
C SER B 122 -3.69 -0.70 -19.39
N ALA B 123 -4.27 -1.51 -18.50
CA ALA B 123 -5.20 -2.53 -18.96
C ALA B 123 -6.39 -1.91 -19.65
N LYS B 124 -6.87 -0.75 -19.16
CA LYS B 124 -8.03 -0.11 -19.75
C LYS B 124 -7.73 0.36 -21.16
N LYS B 125 -6.59 1.00 -21.35
CA LYS B 125 -6.14 1.39 -22.69
C LYS B 125 -6.08 0.20 -23.63
N LYS B 126 -5.62 -0.95 -23.13
CA LYS B 126 -5.45 -2.12 -23.99
C LYS B 126 -6.79 -2.70 -24.40
N VAL B 127 -7.75 -2.71 -23.48
CA VAL B 127 -9.09 -3.14 -23.84
C VAL B 127 -9.72 -2.20 -24.86
N GLU B 128 -9.46 -0.89 -24.72
CA GLU B 128 -9.96 0.05 -25.71
C GLU B 128 -9.35 -0.21 -27.07
N GLN B 129 -8.05 -0.51 -27.11
CA GLN B 129 -7.37 -0.81 -28.37
C GLN B 129 -7.97 -2.04 -29.04
N SER B 130 -8.28 -3.08 -28.26
CA SER B 130 -8.79 -4.31 -28.85
C SER B 130 -10.14 -4.09 -29.52
N LEU B 131 -10.87 -3.06 -29.14
CA LEU B 131 -12.15 -2.75 -29.76
C LEU B 131 -12.02 -1.89 -31.02
N ASN B 132 -11.03 -0.99 -31.06
CA ASN B 132 -10.87 -0.12 -32.22
C ASN B 132 -10.43 -0.87 -33.48
N LEU B 133 -9.96 -2.11 -33.34
CA LEU B 133 -9.56 -2.90 -34.49
C LEU B 133 -9.38 -4.37 -34.11
N PRO C 1 4.94 -2.06 -17.45
CA PRO C 1 4.05 -2.75 -16.52
C PRO C 1 4.65 -2.84 -15.12
N THR C 2 3.91 -2.36 -14.10
CA THR C 2 4.44 -2.40 -12.74
C THR C 2 4.75 -3.83 -12.34
N VAL C 3 6.00 -4.08 -11.98
CA VAL C 3 6.44 -5.37 -11.46
C VAL C 3 6.55 -5.20 -9.95
N GLU C 4 5.56 -5.71 -9.22
CA GLU C 4 5.45 -5.45 -7.79
C GLU C 4 6.37 -6.37 -6.98
N GLU C 5 6.98 -5.80 -5.94
CA GLU C 5 7.81 -6.55 -5.02
C GLU C 5 6.97 -7.54 -4.22
N VAL C 6 7.61 -8.65 -3.83
CA VAL C 6 6.97 -9.71 -3.05
C VAL C 6 6.67 -9.23 -1.64
N ASP C 7 5.84 -9.98 -0.92
CA ASP C 7 5.41 -9.58 0.42
C ASP C 7 5.75 -10.61 1.50
N PRO D 1 10.41 6.11 12.45
CA PRO D 1 9.44 6.47 11.41
C PRO D 1 9.90 7.66 10.57
N THR D 2 9.31 7.85 9.40
CA THR D 2 9.60 9.02 8.59
C THR D 2 8.30 9.57 8.01
N VAL D 3 8.30 10.88 7.74
CA VAL D 3 7.22 11.50 6.98
C VAL D 3 7.21 10.83 5.61
N GLU D 4 6.28 9.90 5.41
CA GLU D 4 6.23 9.23 4.12
C GLU D 4 5.73 10.17 3.02
N GLU D 5 6.05 9.80 1.78
CA GLU D 5 5.73 10.62 0.61
C GLU D 5 4.23 10.96 0.58
N VAL D 6 3.93 12.20 0.19
CA VAL D 6 2.55 12.67 0.24
C VAL D 6 1.70 11.94 -0.80
N ASP D 7 0.41 11.79 -0.46
CA ASP D 7 -0.56 10.98 -1.20
C ASP D 7 -0.28 9.48 -1.07
#